data_6CAU
#
_entry.id   6CAU
#
_cell.length_a   82.180
_cell.length_b   82.180
_cell.length_c   154.900
_cell.angle_alpha   90.00
_cell.angle_beta   90.00
_cell.angle_gamma   90.00
#
_symmetry.space_group_name_H-M   'P 41 21 2'
#
loop_
_entity.id
_entity.type
_entity.pdbx_description
1 polymer 'UDP-N-acetylmuramate--L-alanine ligase'
2 non-polymer 'PHOSPHOAMINOPHOSPHONIC ACID-ADENYLATE ESTER'
3 non-polymer 'MAGNESIUM ION'
4 water water
#
_entity_poly.entity_id   1
_entity_poly.type   'polypeptide(L)'
_entity_poly.pdbx_seq_one_letter_code
;MAHHHHHHMRRIKHIHFVGIGGAGMCGIAEVLANQGYKISGSDIKASKTTQQLEENGIKVYIGHEAENIKNANVLVVSTA
IDPENPEVKAAIEQRIPIVRRAEMLGELMRYRHGIAVAGTHGKTTTTSLLTTMLAEENLDPTYVIGGLLNSTGVNAALGE
SRFIVAEADESDASFLYLQPMAAIVTNIDADHMDTYEGSFDKLKDTFVQFLHNLPFYGLAVVCGDDANIREILPRVGRPV
ITYGFNEDNDIRAIDVEQDGMRSHFTVLRKGREPLRLTINQPGLHNVLNALAAIGVATDEGVSDEAISRALKGFSGVGRR
FQVQGEFELGEGNVKLVDDYGHHPKEVEATIKAARQSHPDRRLVMLFQPHRYSRTRDCFDDFIEVLSQVDQLLLLEVYPA
GEKPIVGADSRTLARSIRLRGQVEPILIDPVEGNLQNIMQNVLQPNDLLLTQGAGNVGAISVELAQHHLYVK
;
_entity_poly.pdbx_strand_id   A
#
# COMPACT_ATOMS: atom_id res chain seq x y z
N HIS A 6 -10.38 15.09 6.52
CA HIS A 6 -9.46 14.65 7.56
C HIS A 6 -8.95 15.86 8.35
N HIS A 7 -8.67 15.65 9.64
CA HIS A 7 -8.20 16.74 10.49
C HIS A 7 -6.79 17.20 10.09
N HIS A 8 -6.56 18.53 10.17
CA HIS A 8 -5.20 19.10 10.15
C HIS A 8 -4.29 18.40 11.16
N MET A 9 -3.00 18.34 10.86
CA MET A 9 -2.01 17.93 11.85
C MET A 9 -1.56 19.15 12.62
N ARG A 10 -1.71 19.11 13.95
CA ARG A 10 -1.36 20.21 14.86
C ARG A 10 -0.07 20.91 14.47
N ARG A 11 -0.20 22.13 13.94
CA ARG A 11 0.94 23.02 13.70
C ARG A 11 1.89 22.50 12.61
N ILE A 12 1.39 21.72 11.67
CA ILE A 12 2.20 21.20 10.56
C ILE A 12 1.69 21.84 9.28
N LYS A 13 2.48 22.74 8.71
CA LYS A 13 2.14 23.37 7.43
C LYS A 13 3.12 23.03 6.31
N HIS A 14 4.40 22.87 6.64
CA HIS A 14 5.46 22.61 5.66
C HIS A 14 6.11 21.28 6.04
N ILE A 15 6.08 20.32 5.11
CA ILE A 15 6.68 19.00 5.28
C ILE A 15 7.78 18.86 4.25
N HIS A 16 8.99 18.45 4.70
CA HIS A 16 10.16 18.35 3.85
C HIS A 16 10.63 16.90 3.79
N PHE A 17 10.73 16.36 2.56
CA PHE A 17 11.14 14.98 2.33
C PHE A 17 12.63 14.92 1.97
N VAL A 18 13.42 14.25 2.81
CA VAL A 18 14.84 14.04 2.52
C VAL A 18 14.99 12.77 1.68
N GLY A 19 15.48 12.93 0.46
CA GLY A 19 15.53 11.80 -0.45
C GLY A 19 14.17 11.53 -1.07
N ILE A 20 13.52 12.60 -1.56
CA ILE A 20 12.15 12.50 -2.08
C ILE A 20 12.09 11.69 -3.37
N GLY A 21 13.19 11.58 -4.11
CA GLY A 21 13.22 10.65 -5.23
C GLY A 21 13.30 9.20 -4.83
N GLY A 22 13.58 8.91 -3.55
CA GLY A 22 13.63 7.54 -3.11
C GLY A 22 12.28 6.86 -3.18
N ALA A 23 12.32 5.53 -3.13
CA ALA A 23 11.11 4.72 -3.25
C ALA A 23 10.12 5.02 -2.13
N GLY A 24 8.84 5.09 -2.50
CA GLY A 24 7.76 5.30 -1.57
C GLY A 24 7.56 6.74 -1.13
N MET A 25 8.51 7.63 -1.43
CA MET A 25 8.49 8.96 -0.86
C MET A 25 7.58 9.91 -1.63
N CYS A 26 7.65 9.86 -2.96
CA CYS A 26 6.95 10.86 -3.75
C CYS A 26 5.44 10.65 -3.73
N GLY A 27 4.98 9.41 -3.54
CA GLY A 27 3.54 9.19 -3.45
C GLY A 27 2.93 9.83 -2.21
N ILE A 28 3.59 9.66 -1.06
CA ILE A 28 3.16 10.32 0.18
C ILE A 28 3.21 11.83 0.02
N ALA A 29 4.30 12.32 -0.58
CA ALA A 29 4.42 13.77 -0.78
C ALA A 29 3.30 14.29 -1.66
N GLU A 30 2.96 13.54 -2.71
CA GLU A 30 1.88 13.93 -3.61
C GLU A 30 0.54 14.00 -2.91
N VAL A 31 0.21 12.99 -2.11
CA VAL A 31 -1.05 12.98 -1.37
C VAL A 31 -1.09 14.16 -0.38
N LEU A 32 -0.02 14.35 0.39
CA LEU A 32 0.00 15.47 1.34
C LEU A 32 -0.13 16.81 0.61
N ALA A 33 0.51 16.93 -0.55
CA ALA A 33 0.39 18.17 -1.33
C ALA A 33 -1.05 18.39 -1.78
N ASN A 34 -1.72 17.34 -2.26
CA ASN A 34 -3.11 17.48 -2.67
C ASN A 34 -4.03 17.78 -1.49
N GLN A 35 -3.59 17.50 -0.27
CA GLN A 35 -4.38 17.87 0.91
C GLN A 35 -4.21 19.32 1.32
N GLY A 36 -3.23 20.04 0.78
CA GLY A 36 -3.01 21.43 1.12
C GLY A 36 -1.74 21.71 1.88
N TYR A 37 -0.97 20.70 2.24
CA TYR A 37 0.30 20.97 2.89
C TYR A 37 1.31 21.52 1.91
N LYS A 38 2.18 22.40 2.40
CA LYS A 38 3.36 22.82 1.64
C LYS A 38 4.36 21.67 1.67
N ILE A 39 4.78 21.20 0.50
CA ILE A 39 5.66 20.03 0.39
C ILE A 39 6.92 20.44 -0.34
N SER A 40 8.05 20.20 0.30
CA SER A 40 9.35 20.38 -0.33
C SER A 40 10.13 19.09 -0.16
N GLY A 41 11.27 19.01 -0.82
CA GLY A 41 12.06 17.80 -0.80
C GLY A 41 13.48 18.05 -1.27
N SER A 42 14.29 17.00 -1.18
CA SER A 42 15.67 17.08 -1.59
C SER A 42 16.11 15.70 -2.05
N ASP A 43 17.14 15.66 -2.88
CA ASP A 43 17.68 14.38 -3.32
C ASP A 43 19.11 14.55 -3.83
N ILE A 44 19.80 13.41 -3.92
CA ILE A 44 21.19 13.39 -4.36
C ILE A 44 21.31 13.89 -5.79
N LYS A 45 20.53 13.31 -6.69
CA LYS A 45 20.62 13.62 -8.11
C LYS A 45 19.25 13.88 -8.68
N ALA A 46 19.16 14.88 -9.55
CA ALA A 46 17.93 15.15 -10.29
C ALA A 46 17.57 13.94 -11.13
N SER A 47 16.27 13.73 -11.33
CA SER A 47 15.75 12.52 -11.92
C SER A 47 14.43 12.83 -12.60
N LYS A 48 13.84 11.81 -13.23
CA LYS A 48 12.50 11.97 -13.78
C LYS A 48 11.48 12.13 -12.65
N THR A 49 11.79 11.59 -11.47
CA THR A 49 10.91 11.79 -10.32
C THR A 49 11.00 13.22 -9.82
N THR A 50 12.22 13.77 -9.73
CA THR A 50 12.38 15.13 -9.20
C THR A 50 11.91 16.17 -10.21
N GLN A 51 12.28 16.02 -11.49
CA GLN A 51 11.80 16.93 -12.51
C GLN A 51 10.28 17.00 -12.52
N GLN A 52 9.60 15.87 -12.29
CA GLN A 52 8.15 15.86 -12.31
C GLN A 52 7.55 16.49 -11.05
N LEU A 53 8.08 16.12 -9.87
CA LEU A 53 7.61 16.72 -8.63
C LEU A 53 7.67 18.23 -8.70
N GLU A 54 8.71 18.76 -9.35
CA GLU A 54 8.78 20.19 -9.61
C GLU A 54 7.62 20.67 -10.47
N GLU A 55 7.17 19.83 -11.41
CA GLU A 55 6.13 20.26 -12.36
C GLU A 55 4.79 20.43 -11.66
N ASN A 56 4.56 19.72 -10.54
CA ASN A 56 3.39 19.93 -9.70
C ASN A 56 3.68 20.79 -8.48
N GLY A 57 4.65 21.69 -8.56
CA GLY A 57 4.81 22.72 -7.55
C GLY A 57 5.55 22.34 -6.29
N ILE A 58 6.21 21.19 -6.27
CA ILE A 58 6.96 20.73 -5.11
C ILE A 58 8.43 21.06 -5.36
N LYS A 59 8.98 22.01 -4.60
CA LYS A 59 10.39 22.39 -4.77
C LYS A 59 11.27 21.24 -4.31
N VAL A 60 12.24 20.86 -5.16
CA VAL A 60 13.10 19.70 -4.94
C VAL A 60 14.55 20.14 -5.06
N TYR A 61 15.18 20.44 -3.92
CA TYR A 61 16.59 20.78 -3.91
C TYR A 61 17.45 19.57 -4.30
N ILE A 62 18.53 19.84 -5.01
CA ILE A 62 19.51 18.84 -5.39
C ILE A 62 20.76 19.05 -4.55
N GLY A 63 21.24 17.98 -3.91
CA GLY A 63 22.31 18.11 -2.95
C GLY A 63 21.77 18.50 -1.58
N HIS A 64 22.31 17.88 -0.53
CA HIS A 64 21.79 18.08 0.82
C HIS A 64 22.56 19.22 1.46
N GLU A 65 21.93 20.38 1.56
CA GLU A 65 22.50 21.50 2.31
C GLU A 65 21.55 21.80 3.46
N ALA A 66 22.12 22.14 4.62
CA ALA A 66 21.34 22.40 5.81
C ALA A 66 20.22 23.41 5.59
N GLU A 67 20.42 24.35 4.65
CA GLU A 67 19.43 25.39 4.41
C GLU A 67 18.20 24.88 3.65
N ASN A 68 18.24 23.65 3.13
CA ASN A 68 17.09 23.12 2.39
C ASN A 68 15.88 22.85 3.27
N ILE A 69 16.05 22.86 4.60
CA ILE A 69 14.94 22.55 5.49
C ILE A 69 14.29 23.83 6.01
N LYS A 70 14.57 24.96 5.34
CA LYS A 70 14.02 26.24 5.78
C LYS A 70 12.50 26.18 5.83
N ASN A 71 11.93 26.62 6.96
CA ASN A 71 10.50 26.72 7.24
C ASN A 71 9.79 25.37 7.39
N ALA A 72 10.52 24.26 7.36
CA ALA A 72 9.87 22.96 7.52
C ALA A 72 9.46 22.74 8.96
N ASN A 73 8.26 22.19 9.15
CA ASN A 73 7.78 21.82 10.48
C ASN A 73 8.13 20.39 10.85
N VAL A 74 8.36 19.53 9.86
CA VAL A 74 8.70 18.12 10.10
C VAL A 74 9.49 17.66 8.90
N LEU A 75 10.37 16.67 9.12
CA LEU A 75 11.14 16.04 8.08
C LEU A 75 10.73 14.57 7.94
N VAL A 76 10.79 14.07 6.71
CA VAL A 76 10.51 12.67 6.40
C VAL A 76 11.76 12.04 5.80
N VAL A 77 12.21 10.95 6.41
CA VAL A 77 13.31 10.15 5.88
C VAL A 77 12.74 8.79 5.50
N SER A 78 13.48 8.08 4.66
CA SER A 78 12.96 6.82 4.14
C SER A 78 12.87 5.75 5.23
N THR A 79 13.98 5.43 5.90
CA THR A 79 13.91 4.45 6.98
C THR A 79 14.61 4.93 8.26
N ALA A 80 15.92 5.07 8.23
CA ALA A 80 16.67 5.46 9.43
C ALA A 80 17.09 6.93 9.39
N ILE A 81 17.29 7.48 10.59
CA ILE A 81 17.72 8.87 10.75
C ILE A 81 19.25 8.89 10.76
N ASP A 82 19.85 9.48 9.73
CA ASP A 82 21.29 9.58 9.64
C ASP A 82 21.73 10.97 10.02
N PRO A 83 22.30 11.16 11.21
CA PRO A 83 22.74 12.51 11.63
C PRO A 83 23.83 13.09 10.74
N GLU A 84 24.54 12.27 9.95
CA GLU A 84 25.57 12.81 9.07
C GLU A 84 24.98 13.59 7.89
N ASN A 85 23.72 13.33 7.53
CA ASN A 85 23.04 14.09 6.48
C ASN A 85 22.83 15.53 6.95
N PRO A 86 23.24 16.52 6.16
CA PRO A 86 23.17 17.91 6.63
C PRO A 86 21.75 18.37 6.93
N GLU A 87 20.78 17.98 6.10
CA GLU A 87 19.40 18.35 6.37
C GLU A 87 18.91 17.71 7.67
N VAL A 88 19.20 16.44 7.87
CA VAL A 88 18.85 15.77 9.13
C VAL A 88 19.55 16.44 10.31
N LYS A 89 20.85 16.73 10.17
CA LYS A 89 21.59 17.32 11.28
C LYS A 89 21.06 18.71 11.63
N ALA A 90 20.79 19.54 10.61
CA ALA A 90 20.19 20.85 10.86
C ALA A 90 18.85 20.72 11.57
N ALA A 91 18.05 19.72 11.18
CA ALA A 91 16.75 19.54 11.82
C ALA A 91 16.89 19.18 13.29
N ILE A 92 17.84 18.30 13.62
CA ILE A 92 18.09 17.96 15.03
C ILE A 92 18.57 19.18 15.81
N GLU A 93 19.47 19.97 15.24
CA GLU A 93 19.94 21.18 15.90
C GLU A 93 18.78 22.12 16.21
N GLN A 94 17.87 22.26 15.26
CA GLN A 94 16.76 23.20 15.36
C GLN A 94 15.52 22.58 16.00
N ARG A 95 15.61 21.34 16.49
CA ARG A 95 14.52 20.67 17.20
C ARG A 95 13.30 20.43 16.30
N ILE A 96 13.52 20.22 15.00
CA ILE A 96 12.44 19.85 14.08
C ILE A 96 12.22 18.34 14.16
N PRO A 97 10.97 17.87 14.25
CA PRO A 97 10.71 16.43 14.29
C PRO A 97 11.07 15.75 12.98
N ILE A 98 11.51 14.50 13.10
CA ILE A 98 11.90 13.69 11.97
C ILE A 98 11.18 12.36 12.09
N VAL A 99 10.41 12.00 11.06
CA VAL A 99 9.67 10.75 11.06
C VAL A 99 10.10 9.95 9.83
N ARG A 100 10.00 8.63 9.95
CA ARG A 100 10.23 7.79 8.79
C ARG A 100 9.00 7.78 7.90
N ARG A 101 9.23 7.40 6.64
CA ARG A 101 8.17 7.37 5.65
C ARG A 101 6.95 6.59 6.14
N ALA A 102 7.17 5.41 6.73
CA ALA A 102 6.05 4.56 7.13
C ALA A 102 5.23 5.21 8.23
N GLU A 103 5.86 6.02 9.07
CA GLU A 103 5.06 6.68 10.08
C GLU A 103 4.18 7.76 9.45
N MET A 104 4.73 8.51 8.50
CA MET A 104 3.91 9.49 7.79
C MET A 104 2.75 8.79 7.04
N LEU A 105 3.03 7.65 6.40
CA LEU A 105 1.96 6.88 5.78
C LEU A 105 0.94 6.42 6.82
N GLY A 106 1.40 5.99 8.01
CA GLY A 106 0.48 5.72 9.12
C GLY A 106 -0.45 6.89 9.42
N GLU A 107 0.07 8.12 9.38
CA GLU A 107 -0.78 9.26 9.68
C GLU A 107 -1.82 9.51 8.59
N LEU A 108 -1.51 9.17 7.34
CA LEU A 108 -2.54 9.26 6.29
C LEU A 108 -3.66 8.27 6.54
N MET A 109 -3.39 7.16 7.26
CA MET A 109 -4.42 6.18 7.57
C MET A 109 -5.26 6.58 8.79
N ARG A 110 -4.70 7.36 9.71
CA ARG A 110 -5.49 7.90 10.80
C ARG A 110 -6.69 8.65 10.25
N TYR A 111 -7.85 8.43 10.86
CA TYR A 111 -9.13 9.05 10.51
C TYR A 111 -9.60 8.63 9.12
N ARG A 112 -8.99 7.61 8.53
CA ARG A 112 -9.47 7.01 7.31
C ARG A 112 -9.72 5.54 7.57
N HIS A 113 -10.40 4.89 6.61
CA HIS A 113 -10.54 3.44 6.60
C HIS A 113 -9.40 2.87 5.76
N GLY A 114 -8.31 2.50 6.43
CA GLY A 114 -7.09 2.10 5.74
C GLY A 114 -6.98 0.61 5.48
N ILE A 115 -6.54 0.27 4.27
CA ILE A 115 -6.28 -1.09 3.85
C ILE A 115 -4.79 -1.19 3.52
N ALA A 116 -4.07 -2.03 4.27
CA ALA A 116 -2.64 -2.21 4.10
C ALA A 116 -2.39 -3.54 3.41
N VAL A 117 -1.72 -3.51 2.27
CA VAL A 117 -1.50 -4.67 1.42
C VAL A 117 -0.05 -5.14 1.64
N ALA A 118 0.12 -6.27 2.31
CA ALA A 118 1.46 -6.77 2.62
C ALA A 118 1.67 -8.13 1.98
N GLY A 119 2.89 -8.64 2.15
CA GLY A 119 3.31 -9.86 1.51
C GLY A 119 4.67 -9.64 0.88
N THR A 120 5.38 -10.72 0.60
CA THR A 120 6.71 -10.59 0.01
C THR A 120 6.62 -10.19 -1.47
N HIS A 121 5.64 -10.73 -2.19
CA HIS A 121 5.52 -10.52 -3.62
C HIS A 121 4.07 -10.22 -3.98
N GLY A 122 3.89 -9.34 -4.97
CA GLY A 122 2.56 -9.01 -5.44
C GLY A 122 1.82 -7.92 -4.69
N LYS A 123 2.52 -7.14 -3.85
CA LYS A 123 1.87 -6.02 -3.15
C LYS A 123 1.42 -4.93 -4.13
N THR A 124 2.33 -4.46 -4.98
CA THR A 124 1.96 -3.39 -5.92
C THR A 124 0.79 -3.82 -6.81
N THR A 125 0.87 -5.01 -7.40
CA THR A 125 -0.21 -5.48 -8.28
C THR A 125 -1.53 -5.56 -7.51
N THR A 126 -1.51 -6.14 -6.32
CA THR A 126 -2.72 -6.34 -5.54
C THR A 126 -3.32 -5.02 -5.10
N THR A 127 -2.48 -4.11 -4.61
CA THR A 127 -2.93 -2.78 -4.24
C THR A 127 -3.60 -2.10 -5.44
N SER A 128 -3.00 -2.25 -6.62
CA SER A 128 -3.58 -1.63 -7.82
C SER A 128 -4.94 -2.23 -8.15
N LEU A 129 -5.04 -3.57 -8.11
CA LEU A 129 -6.31 -4.24 -8.41
C LEU A 129 -7.40 -3.80 -7.42
N LEU A 130 -7.09 -3.81 -6.13
CA LEU A 130 -8.11 -3.44 -5.14
C LEU A 130 -8.51 -1.98 -5.31
N THR A 131 -7.53 -1.09 -5.53
CA THR A 131 -7.83 0.32 -5.80
C THR A 131 -8.76 0.47 -7.01
N THR A 132 -8.51 -0.29 -8.07
CA THR A 132 -9.35 -0.18 -9.25
C THR A 132 -10.77 -0.67 -8.94
N MET A 133 -10.89 -1.73 -8.14
CA MET A 133 -12.22 -2.21 -7.73
C MET A 133 -13.01 -1.14 -6.98
N LEU A 134 -12.37 -0.44 -6.03
CA LEU A 134 -13.07 0.63 -5.32
C LEU A 134 -13.42 1.78 -6.26
N ALA A 135 -12.50 2.13 -7.15
CA ALA A 135 -12.79 3.16 -8.15
C ALA A 135 -13.99 2.77 -8.98
N GLU A 136 -14.06 1.51 -9.42
CA GLU A 136 -15.17 1.08 -10.27
C GLU A 136 -16.50 1.12 -9.52
N GLU A 137 -16.47 0.99 -8.19
CA GLU A 137 -17.67 1.13 -7.38
C GLU A 137 -17.97 2.60 -7.05
N ASN A 138 -17.24 3.53 -7.66
CA ASN A 138 -17.43 4.96 -7.43
C ASN A 138 -17.11 5.37 -6.00
N LEU A 139 -16.16 4.69 -5.36
CA LEU A 139 -15.80 4.96 -3.99
C LEU A 139 -14.54 5.79 -3.86
N ASP A 140 -14.07 6.42 -4.95
CA ASP A 140 -13.00 7.42 -4.97
C ASP A 140 -11.93 7.25 -3.88
N PRO A 141 -11.12 6.19 -3.91
CA PRO A 141 -10.17 5.97 -2.82
C PRO A 141 -8.90 6.78 -2.97
N THR A 142 -8.38 7.24 -1.84
CA THR A 142 -6.98 7.61 -1.79
C THR A 142 -6.14 6.34 -1.96
N TYR A 143 -5.02 6.48 -2.65
CA TYR A 143 -4.18 5.30 -2.82
C TYR A 143 -2.71 5.72 -2.86
N VAL A 144 -1.85 4.80 -2.44
CA VAL A 144 -0.40 4.99 -2.40
C VAL A 144 0.24 3.68 -2.86
N ILE A 145 0.68 3.64 -4.11
CA ILE A 145 1.18 2.42 -4.73
C ILE A 145 2.66 2.60 -4.99
N GLY A 146 3.41 1.52 -4.85
CA GLY A 146 4.83 1.57 -5.13
C GLY A 146 5.10 1.35 -6.61
N GLY A 147 4.39 2.09 -7.45
CA GLY A 147 4.49 1.93 -8.90
C GLY A 147 3.42 2.74 -9.58
N LEU A 148 3.63 2.97 -10.87
CA LEU A 148 2.71 3.78 -11.66
C LEU A 148 1.41 3.02 -11.96
N LEU A 149 0.29 3.51 -11.43
CA LEU A 149 -1.01 3.01 -11.87
C LEU A 149 -1.29 3.49 -13.30
N ASN A 150 -1.32 2.55 -14.26
CA ASN A 150 -1.42 2.94 -15.67
C ASN A 150 -2.71 3.68 -16.01
N SER A 151 -3.80 3.37 -15.29
CA SER A 151 -5.09 4.01 -15.57
C SER A 151 -5.12 5.48 -15.17
N THR A 152 -4.30 5.91 -14.20
CA THR A 152 -4.31 7.30 -13.75
C THR A 152 -3.02 8.05 -14.04
N GLY A 153 -1.91 7.36 -14.29
CA GLY A 153 -0.64 8.01 -14.54
C GLY A 153 0.09 8.53 -13.32
N VAL A 154 -0.26 8.06 -12.12
CA VAL A 154 0.41 8.49 -10.90
C VAL A 154 0.58 7.29 -9.97
N ASN A 155 1.58 7.39 -9.09
CA ASN A 155 1.78 6.38 -8.05
C ASN A 155 0.71 6.48 -6.97
N ALA A 156 0.12 7.65 -6.81
CA ALA A 156 -0.67 7.91 -5.62
C ALA A 156 -1.56 9.11 -5.89
N ALA A 157 -2.71 9.13 -5.23
CA ALA A 157 -3.61 10.27 -5.35
C ALA A 157 -4.51 10.34 -4.13
N LEU A 158 -4.97 11.54 -3.85
CA LEU A 158 -5.95 11.81 -2.80
C LEU A 158 -7.35 11.61 -3.36
N GLY A 159 -8.18 10.85 -2.64
CA GLY A 159 -9.58 10.71 -2.94
C GLY A 159 -10.39 11.40 -1.86
N GLU A 160 -11.71 11.52 -2.13
CA GLU A 160 -12.56 12.20 -1.16
C GLU A 160 -13.26 11.25 -0.21
N SER A 161 -13.21 9.95 -0.46
CA SER A 161 -13.86 8.97 0.39
C SER A 161 -13.06 8.69 1.65
N ARG A 162 -13.59 7.77 2.47
CA ARG A 162 -12.94 7.31 3.69
C ARG A 162 -11.82 6.31 3.42
N PHE A 163 -11.75 5.74 2.22
CA PHE A 163 -10.83 4.67 1.91
C PHE A 163 -9.44 5.18 1.54
N ILE A 164 -8.41 4.46 2.01
CA ILE A 164 -7.05 4.63 1.51
C ILE A 164 -6.46 3.23 1.39
N VAL A 165 -5.91 2.92 0.22
CA VAL A 165 -5.28 1.63 -0.05
C VAL A 165 -3.79 1.91 -0.23
N ALA A 166 -2.95 1.17 0.48
CA ALA A 166 -1.52 1.43 0.45
C ALA A 166 -0.73 0.13 0.54
N GLU A 167 0.42 0.13 -0.14
CA GLU A 167 1.39 -0.94 0.02
C GLU A 167 2.00 -0.93 1.41
N ALA A 168 2.08 -2.10 2.04
CA ALA A 168 2.64 -2.23 3.38
C ALA A 168 3.96 -3.00 3.29
N ASP A 169 5.08 -2.27 3.45
CA ASP A 169 6.42 -2.81 3.28
C ASP A 169 6.88 -3.53 4.55
N GLU A 170 7.23 -4.82 4.42
CA GLU A 170 7.73 -5.58 5.57
C GLU A 170 9.20 -5.33 5.82
N SER A 171 9.95 -4.81 4.85
CA SER A 171 11.37 -4.60 5.08
C SER A 171 11.60 -3.46 6.05
N ASP A 172 12.54 -3.66 6.96
CA ASP A 172 12.80 -2.77 8.09
C ASP A 172 11.61 -2.71 9.05
N ALA A 173 10.65 -3.63 8.93
CA ALA A 173 9.44 -3.63 9.73
C ALA A 173 8.62 -2.33 9.57
N SER A 174 8.78 -1.63 8.45
CA SER A 174 8.07 -0.37 8.21
C SER A 174 6.57 -0.49 8.45
N PHE A 175 5.98 -1.62 8.06
CA PHE A 175 4.53 -1.73 8.11
C PHE A 175 3.98 -1.81 9.53
N LEU A 176 4.82 -1.96 10.55
CA LEU A 176 4.31 -1.87 11.92
C LEU A 176 3.91 -0.46 12.32
N TYR A 177 4.27 0.54 11.54
CA TYR A 177 3.82 1.91 11.76
C TYR A 177 2.43 2.18 11.19
N LEU A 178 1.84 1.22 10.49
CA LEU A 178 0.51 1.38 9.89
C LEU A 178 -0.58 0.96 10.87
N GLN A 179 -1.70 1.69 10.88
CA GLN A 179 -2.86 1.28 11.69
C GLN A 179 -4.04 1.11 10.73
N PRO A 180 -4.12 -0.03 10.06
CA PRO A 180 -5.18 -0.25 9.08
C PRO A 180 -6.45 -0.78 9.72
N MET A 181 -7.55 -0.66 8.97
CA MET A 181 -8.80 -1.32 9.35
C MET A 181 -8.96 -2.68 8.67
N ALA A 182 -8.19 -2.93 7.62
CA ALA A 182 -8.20 -4.20 6.92
C ALA A 182 -6.82 -4.40 6.29
N ALA A 183 -6.43 -5.66 6.15
CA ALA A 183 -5.09 -5.96 5.70
C ALA A 183 -5.10 -7.18 4.80
N ILE A 184 -4.16 -7.20 3.87
CA ILE A 184 -3.89 -8.35 3.02
C ILE A 184 -2.47 -8.84 3.31
N VAL A 185 -2.31 -10.15 3.32
CA VAL A 185 -0.98 -10.78 3.26
C VAL A 185 -1.00 -11.74 2.08
N THR A 186 -0.27 -11.41 1.01
CA THR A 186 -0.28 -12.21 -0.21
C THR A 186 0.51 -13.51 -0.06
N ASN A 187 1.66 -13.46 0.63
CA ASN A 187 2.56 -14.60 0.80
C ASN A 187 3.68 -14.18 1.74
N ILE A 188 4.37 -15.18 2.30
CA ILE A 188 5.53 -14.97 3.16
C ILE A 188 6.61 -15.92 2.66
N ASP A 189 7.51 -15.40 1.84
CA ASP A 189 8.50 -16.19 1.13
C ASP A 189 9.89 -15.90 1.68
N ALA A 190 10.69 -16.96 1.82
CA ALA A 190 12.03 -16.85 2.37
C ALA A 190 13.00 -16.16 1.41
N ASP A 191 13.21 -16.75 0.23
CA ASP A 191 14.15 -16.21 -0.74
C ASP A 191 13.54 -15.10 -1.59
N GLY A 198 17.67 -10.46 9.19
CA GLY A 198 17.69 -11.34 10.34
C GLY A 198 17.48 -12.80 9.99
N SER A 199 16.48 -13.42 10.62
CA SER A 199 16.10 -14.81 10.37
C SER A 199 14.65 -14.88 9.91
N PHE A 200 14.32 -15.99 9.26
CA PHE A 200 12.97 -16.21 8.74
C PHE A 200 11.94 -16.27 9.87
N ASP A 201 12.37 -16.65 11.07
CA ASP A 201 11.44 -16.74 12.18
C ASP A 201 11.05 -15.36 12.68
N LYS A 202 12.04 -14.46 12.84
CA LYS A 202 11.73 -13.07 13.17
C LYS A 202 10.80 -12.47 12.12
N LEU A 203 11.04 -12.78 10.84
CA LEU A 203 10.21 -12.24 9.78
C LEU A 203 8.76 -12.68 9.93
N LYS A 204 8.53 -13.95 10.27
CA LYS A 204 7.15 -14.35 10.46
C LYS A 204 6.54 -13.66 11.67
N ASP A 205 7.30 -13.54 12.78
CA ASP A 205 6.84 -12.73 13.92
C ASP A 205 6.37 -11.34 13.49
N THR A 206 7.12 -10.68 12.60
CA THR A 206 6.74 -9.31 12.27
C THR A 206 5.45 -9.28 11.47
N PHE A 207 5.21 -10.30 10.63
CA PHE A 207 3.91 -10.39 9.95
C PHE A 207 2.78 -10.58 10.95
N VAL A 208 3.02 -11.35 12.02
CA VAL A 208 2.04 -11.50 13.08
C VAL A 208 1.80 -10.17 13.77
N GLN A 209 2.88 -9.45 14.13
CA GLN A 209 2.74 -8.13 14.73
C GLN A 209 1.93 -7.21 13.83
N PHE A 210 2.22 -7.24 12.52
CA PHE A 210 1.52 -6.36 11.60
C PHE A 210 0.01 -6.57 11.68
N LEU A 211 -0.44 -7.82 11.69
CA LEU A 211 -1.88 -8.10 11.75
C LEU A 211 -2.46 -7.75 13.11
N HIS A 212 -1.66 -7.87 14.17
CA HIS A 212 -2.14 -7.45 15.49
C HIS A 212 -2.40 -5.95 15.55
N ASN A 213 -1.89 -5.16 14.60
CA ASN A 213 -2.26 -3.74 14.53
C ASN A 213 -3.68 -3.52 14.04
N LEU A 214 -4.30 -4.51 13.39
CA LEU A 214 -5.72 -4.41 13.10
C LEU A 214 -6.52 -4.23 14.40
N PRO A 215 -7.63 -3.52 14.34
CA PRO A 215 -8.58 -3.56 15.47
C PRO A 215 -9.10 -4.98 15.61
N PHE A 216 -9.60 -5.29 16.81
CA PHE A 216 -10.03 -6.66 17.07
C PHE A 216 -11.13 -7.12 16.11
N TYR A 217 -11.86 -6.18 15.51
CA TYR A 217 -12.92 -6.49 14.55
C TYR A 217 -12.46 -6.33 13.10
N GLY A 218 -11.19 -5.99 12.86
CA GLY A 218 -10.72 -5.78 11.51
C GLY A 218 -10.47 -7.08 10.75
N LEU A 219 -10.47 -7.00 9.43
CA LEU A 219 -10.37 -8.18 8.59
C LEU A 219 -8.97 -8.35 8.01
N ALA A 220 -8.44 -9.56 8.09
CA ALA A 220 -7.19 -9.95 7.43
C ALA A 220 -7.50 -10.94 6.31
N VAL A 221 -7.13 -10.59 5.07
CA VAL A 221 -7.33 -11.46 3.92
C VAL A 221 -5.95 -11.99 3.50
N VAL A 222 -5.76 -13.30 3.59
CA VAL A 222 -4.44 -13.89 3.45
C VAL A 222 -4.55 -15.12 2.57
N CYS A 223 -3.43 -15.49 1.95
CA CYS A 223 -3.40 -16.59 1.00
C CYS A 223 -3.18 -17.92 1.73
N GLY A 224 -4.23 -18.73 1.82
CA GLY A 224 -4.20 -20.01 2.51
C GLY A 224 -3.41 -21.10 1.81
N ASP A 225 -3.05 -20.88 0.54
CA ASP A 225 -2.15 -21.78 -0.17
C ASP A 225 -0.72 -21.72 0.37
N ASP A 226 -0.35 -20.63 1.04
CA ASP A 226 1.01 -20.42 1.51
C ASP A 226 1.20 -21.10 2.87
N ALA A 227 2.07 -22.10 2.92
CA ALA A 227 2.28 -22.87 4.14
C ALA A 227 2.75 -21.98 5.30
N ASN A 228 3.59 -20.98 5.02
CA ASN A 228 4.05 -20.10 6.09
C ASN A 228 2.91 -19.25 6.65
N ILE A 229 1.98 -18.84 5.79
CA ILE A 229 0.80 -18.13 6.29
C ILE A 229 -0.05 -19.08 7.13
N ARG A 230 -0.30 -20.29 6.61
N ARG A 230 -0.31 -20.29 6.61
CA ARG A 230 -1.05 -21.29 7.37
CA ARG A 230 -1.08 -21.27 7.38
C ARG A 230 -0.45 -21.51 8.75
C ARG A 230 -0.45 -21.51 8.75
N GLU A 231 0.88 -21.47 8.85
CA GLU A 231 1.54 -21.73 10.12
C GLU A 231 1.24 -20.65 11.16
N ILE A 232 1.16 -19.37 10.74
CA ILE A 232 0.99 -18.29 11.71
C ILE A 232 -0.46 -17.94 11.98
N LEU A 233 -1.41 -18.53 11.25
CA LEU A 233 -2.81 -18.22 11.48
C LEU A 233 -3.28 -18.42 12.93
N PRO A 234 -2.91 -19.49 13.64
CA PRO A 234 -3.33 -19.60 15.05
C PRO A 234 -2.85 -18.47 15.94
N ARG A 235 -1.91 -17.65 15.47
CA ARG A 235 -1.37 -16.55 16.27
C ARG A 235 -2.04 -15.23 15.99
N VAL A 236 -2.96 -15.16 15.02
CA VAL A 236 -3.40 -13.87 14.52
C VAL A 236 -4.45 -13.24 15.42
N GLY A 237 -5.47 -13.99 15.83
CA GLY A 237 -6.45 -13.44 16.77
C GLY A 237 -7.28 -12.30 16.21
N ARG A 238 -7.55 -12.31 14.91
CA ARG A 238 -8.39 -11.34 14.23
C ARG A 238 -9.21 -12.13 13.23
N PRO A 239 -10.33 -11.56 12.74
CA PRO A 239 -11.08 -12.23 11.67
C PRO A 239 -10.20 -12.43 10.44
N VAL A 240 -10.12 -13.68 9.99
CA VAL A 240 -9.30 -14.06 8.84
C VAL A 240 -10.19 -14.68 7.77
N ILE A 241 -9.95 -14.28 6.52
CA ILE A 241 -10.53 -14.93 5.35
C ILE A 241 -9.36 -15.37 4.49
N THR A 242 -9.28 -16.67 4.21
CA THR A 242 -8.22 -17.24 3.38
C THR A 242 -8.67 -17.35 1.93
N TYR A 243 -7.75 -17.10 1.00
CA TYR A 243 -8.00 -17.28 -0.42
C TYR A 243 -6.93 -18.17 -1.03
N GLY A 244 -7.25 -18.74 -2.20
CA GLY A 244 -6.31 -19.56 -2.92
C GLY A 244 -7.01 -20.54 -3.85
N PHE A 245 -6.19 -21.43 -4.42
CA PHE A 245 -6.69 -22.52 -5.26
C PHE A 245 -7.10 -23.74 -4.45
N ASN A 246 -6.54 -23.93 -3.26
CA ASN A 246 -6.79 -25.16 -2.50
C ASN A 246 -8.25 -25.22 -2.05
N GLU A 247 -8.70 -26.44 -1.76
CA GLU A 247 -10.10 -26.67 -1.44
C GLU A 247 -10.51 -26.02 -0.12
N ASP A 248 -9.60 -25.93 0.86
CA ASP A 248 -9.97 -25.46 2.20
C ASP A 248 -9.82 -23.94 2.37
N ASN A 249 -9.94 -23.16 1.30
CA ASN A 249 -9.90 -21.70 1.40
C ASN A 249 -11.32 -21.14 1.49
N ASP A 250 -11.48 -20.08 2.27
CA ASP A 250 -12.76 -19.36 2.32
C ASP A 250 -13.10 -18.73 0.99
N ILE A 251 -12.12 -18.44 0.15
CA ILE A 251 -12.33 -17.84 -1.17
C ILE A 251 -11.49 -18.63 -2.13
N ARG A 252 -12.12 -19.19 -3.17
CA ARG A 252 -11.48 -20.17 -4.01
C ARG A 252 -11.67 -19.82 -5.48
N ALA A 253 -10.57 -19.81 -6.23
CA ALA A 253 -10.62 -19.76 -7.69
C ALA A 253 -10.63 -21.19 -8.20
N ILE A 254 -11.64 -21.53 -9.01
CA ILE A 254 -11.73 -22.83 -9.64
C ILE A 254 -11.93 -22.62 -11.13
N ASP A 255 -11.80 -23.72 -11.89
CA ASP A 255 -11.98 -23.70 -13.34
C ASP A 255 -11.09 -22.64 -14.00
N VAL A 256 -9.84 -22.60 -13.57
CA VAL A 256 -8.91 -21.59 -14.03
C VAL A 256 -8.45 -21.93 -15.44
N GLU A 257 -8.53 -20.94 -16.34
CA GLU A 257 -8.10 -21.09 -17.72
C GLU A 257 -7.13 -19.98 -18.07
N GLN A 258 -5.89 -20.35 -18.37
CA GLN A 258 -4.88 -19.40 -18.83
C GLN A 258 -5.03 -19.23 -20.34
N ASP A 259 -5.42 -18.03 -20.75
CA ASP A 259 -5.76 -17.72 -22.14
C ASP A 259 -4.83 -16.63 -22.63
N GLY A 260 -3.64 -17.04 -23.07
CA GLY A 260 -2.58 -16.11 -23.40
C GLY A 260 -2.39 -15.05 -22.32
N MET A 261 -2.58 -13.80 -22.72
CA MET A 261 -2.34 -12.65 -21.86
C MET A 261 -3.45 -12.41 -20.85
N ARG A 262 -4.50 -13.24 -20.84
CA ARG A 262 -5.66 -13.09 -19.98
C ARG A 262 -5.89 -14.40 -19.23
N SER A 263 -6.56 -14.33 -18.09
CA SER A 263 -6.96 -15.54 -17.38
C SER A 263 -8.43 -15.48 -16.98
N HIS A 264 -9.11 -16.61 -17.13
CA HIS A 264 -10.51 -16.76 -16.74
C HIS A 264 -10.61 -17.72 -15.56
N PHE A 265 -11.39 -17.33 -14.55
CA PHE A 265 -11.59 -18.22 -13.42
C PHE A 265 -12.97 -17.98 -12.82
N THR A 266 -13.35 -18.87 -11.90
CA THR A 266 -14.57 -18.73 -11.12
C THR A 266 -14.18 -18.57 -9.66
N VAL A 267 -14.73 -17.55 -9.01
CA VAL A 267 -14.46 -17.27 -7.60
C VAL A 267 -15.66 -17.72 -6.78
N LEU A 268 -15.41 -18.51 -5.74
CA LEU A 268 -16.46 -18.91 -4.82
C LEU A 268 -16.27 -18.22 -3.49
N ARG A 269 -17.38 -17.74 -2.92
CA ARG A 269 -17.39 -16.94 -1.71
C ARG A 269 -18.56 -17.38 -0.84
N LYS A 270 -18.33 -17.47 0.47
CA LYS A 270 -19.37 -17.93 1.39
C LYS A 270 -20.62 -17.07 1.24
N GLY A 271 -21.75 -17.73 1.04
CA GLY A 271 -23.01 -17.02 0.93
C GLY A 271 -23.23 -16.25 -0.35
N ARG A 272 -22.42 -16.50 -1.39
CA ARG A 272 -22.58 -15.84 -2.69
C ARG A 272 -22.59 -16.87 -3.80
N GLU A 273 -23.32 -16.55 -4.87
CA GLU A 273 -23.33 -17.41 -6.03
C GLU A 273 -21.96 -17.38 -6.72
N PRO A 274 -21.49 -18.51 -7.25
CA PRO A 274 -20.27 -18.53 -8.06
C PRO A 274 -20.22 -17.39 -9.06
N LEU A 275 -19.01 -16.88 -9.29
CA LEU A 275 -18.83 -15.70 -10.14
C LEU A 275 -17.67 -15.91 -11.09
N ARG A 276 -17.97 -15.85 -12.39
CA ARG A 276 -17.00 -16.01 -13.45
C ARG A 276 -16.34 -14.66 -13.76
N LEU A 277 -15.02 -14.66 -13.84
CA LEU A 277 -14.26 -13.43 -14.00
C LEU A 277 -13.14 -13.65 -15.01
N THR A 278 -12.66 -12.53 -15.56
CA THR A 278 -11.50 -12.47 -16.43
C THR A 278 -10.59 -11.37 -15.90
N ILE A 279 -9.32 -11.70 -15.69
CA ILE A 279 -8.32 -10.72 -15.30
C ILE A 279 -7.39 -10.50 -16.49
N ASN A 280 -7.16 -9.24 -16.83
CA ASN A 280 -6.43 -8.81 -18.02
C ASN A 280 -4.90 -8.98 -17.90
N GLN A 281 -4.41 -9.87 -17.06
CA GLN A 281 -2.98 -10.08 -16.92
C GLN A 281 -2.69 -11.56 -16.92
N PRO A 282 -1.51 -11.97 -17.39
CA PRO A 282 -1.16 -13.39 -17.37
C PRO A 282 -0.61 -13.83 -16.01
N GLY A 283 -0.59 -15.15 -15.83
CA GLY A 283 0.08 -15.75 -14.69
C GLY A 283 -0.81 -16.15 -13.54
N LEU A 284 -0.60 -17.36 -13.01
CA LEU A 284 -1.44 -17.84 -11.91
C LEU A 284 -1.30 -16.98 -10.66
N HIS A 285 -0.12 -16.37 -10.45
CA HIS A 285 0.05 -15.49 -9.29
C HIS A 285 -0.88 -14.30 -9.32
N ASN A 286 -1.21 -13.80 -10.53
CA ASN A 286 -2.11 -12.65 -10.63
C ASN A 286 -3.57 -13.04 -10.43
N VAL A 287 -3.94 -14.29 -10.73
CA VAL A 287 -5.24 -14.78 -10.28
C VAL A 287 -5.30 -14.76 -8.75
N LEU A 288 -4.21 -15.17 -8.09
CA LEU A 288 -4.20 -15.15 -6.64
C LEU A 288 -4.27 -13.72 -6.12
N ASN A 289 -3.48 -12.82 -6.71
CA ASN A 289 -3.55 -11.41 -6.32
C ASN A 289 -4.97 -10.86 -6.46
N ALA A 290 -5.66 -11.21 -7.55
CA ALA A 290 -7.04 -10.77 -7.74
C ALA A 290 -7.95 -11.32 -6.65
N LEU A 291 -7.70 -12.54 -6.17
CA LEU A 291 -8.50 -13.10 -5.08
C LEU A 291 -8.31 -12.29 -3.80
N ALA A 292 -7.07 -11.88 -3.51
CA ALA A 292 -6.83 -11.03 -2.35
C ALA A 292 -7.65 -9.75 -2.44
N ALA A 293 -7.62 -9.08 -3.59
CA ALA A 293 -8.38 -7.85 -3.74
C ALA A 293 -9.88 -8.13 -3.67
N ILE A 294 -10.32 -9.22 -4.29
CA ILE A 294 -11.72 -9.61 -4.21
C ILE A 294 -12.17 -9.78 -2.77
N GLY A 295 -11.31 -10.38 -1.93
CA GLY A 295 -11.66 -10.60 -0.54
C GLY A 295 -11.99 -9.30 0.19
N VAL A 296 -11.08 -8.33 0.12
CA VAL A 296 -11.33 -7.07 0.79
C VAL A 296 -12.51 -6.35 0.16
N ALA A 297 -12.58 -6.36 -1.17
CA ALA A 297 -13.63 -5.62 -1.86
C ALA A 297 -15.00 -6.19 -1.52
N THR A 298 -15.12 -7.51 -1.46
CA THR A 298 -16.40 -8.11 -1.11
C THR A 298 -16.82 -7.67 0.28
N ASP A 299 -15.91 -7.79 1.25
CA ASP A 299 -16.19 -7.35 2.60
C ASP A 299 -16.58 -5.88 2.65
N GLU A 300 -15.96 -5.04 1.81
CA GLU A 300 -16.28 -3.62 1.81
C GLU A 300 -17.54 -3.28 1.02
N GLY A 301 -18.23 -4.27 0.44
CA GLY A 301 -19.48 -4.02 -0.24
C GLY A 301 -19.41 -3.78 -1.73
N VAL A 302 -18.28 -4.04 -2.37
CA VAL A 302 -18.15 -3.76 -3.80
C VAL A 302 -18.97 -4.78 -4.59
N SER A 303 -19.72 -4.30 -5.58
CA SER A 303 -20.59 -5.18 -6.35
C SER A 303 -19.78 -6.08 -7.28
N ASP A 304 -20.44 -7.17 -7.72
CA ASP A 304 -19.86 -8.07 -8.71
C ASP A 304 -19.47 -7.32 -9.98
N GLU A 305 -20.32 -6.39 -10.42
CA GLU A 305 -20.06 -5.66 -11.65
C GLU A 305 -18.79 -4.84 -11.55
N ALA A 306 -18.61 -4.14 -10.43
CA ALA A 306 -17.40 -3.34 -10.23
C ALA A 306 -16.16 -4.24 -10.20
N ILE A 307 -16.27 -5.41 -9.55
CA ILE A 307 -15.13 -6.32 -9.49
C ILE A 307 -14.80 -6.86 -10.88
N SER A 308 -15.82 -7.20 -11.67
CA SER A 308 -15.57 -7.72 -13.01
C SER A 308 -14.97 -6.67 -13.94
N ARG A 309 -15.56 -5.47 -13.97
CA ARG A 309 -15.02 -4.39 -14.80
C ARG A 309 -13.57 -4.09 -14.42
N ALA A 310 -13.26 -4.01 -13.12
CA ALA A 310 -11.91 -3.66 -12.73
C ALA A 310 -10.92 -4.69 -13.24
N LEU A 311 -11.26 -5.98 -13.10
CA LEU A 311 -10.34 -7.05 -13.47
C LEU A 311 -10.25 -7.21 -14.99
N LYS A 312 -11.39 -7.10 -15.68
CA LYS A 312 -11.41 -7.36 -17.11
C LYS A 312 -10.55 -6.36 -17.88
N GLY A 313 -10.52 -5.12 -17.43
CA GLY A 313 -9.88 -4.08 -18.21
C GLY A 313 -8.63 -3.55 -17.55
N PHE A 314 -8.06 -4.31 -16.62
CA PHE A 314 -6.96 -3.82 -15.81
C PHE A 314 -5.76 -3.43 -16.67
N SER A 315 -5.39 -2.14 -16.62
CA SER A 315 -4.34 -1.53 -17.45
C SER A 315 -2.94 -1.84 -16.96
N GLY A 316 -2.79 -2.44 -15.78
CA GLY A 316 -1.48 -2.82 -15.27
C GLY A 316 -0.80 -1.72 -14.47
N VAL A 317 0.42 -2.04 -14.01
CA VAL A 317 1.23 -1.15 -13.19
C VAL A 317 2.60 -1.00 -13.85
N GLY A 318 3.00 0.25 -14.09
CA GLY A 318 4.29 0.55 -14.70
C GLY A 318 5.44 0.46 -13.70
#